data_5SUO
#
_entry.id   5SUO
#
_cell.length_a   60.910
_cell.length_b   40.200
_cell.length_c   93.890
_cell.angle_alpha   90.000
_cell.angle_beta   98.770
_cell.angle_gamma   90.000
#
_symmetry.space_group_name_H-M   'P 1 21 1'
#
loop_
_entity.id
_entity.type
_entity.pdbx_description
1 polymer 'Extracellular solute-binding protein'
2 non-polymer 'IODIDE ION'
3 water water
#
_entity_poly.entity_id   1
_entity_poly.type   'polypeptide(L)'
_entity_poly.pdbx_seq_one_letter_code
;KPVIKMYQIGDKPDNLDELLANANKIIEEKVGAKLDIQYLGWGDYGKKMSVITSSGENYDIAFADNYIVNAQKGAYADLT
ELYKKEGKDLYKALDPAYIKGNTVNGKIYAVPVAANVASSQNFAFNGTLLAKYGIDISGVTSYETLEPVLKQIKEKAPDV
VPFAIGKVFIPSDNFDYPVANGLPFVIDLEGDTTKVVNRYEVPRFKEHLKTLHKFYEAGYIPKDVATSDTSFDLQQDTWF
VREETVGPADYGNSLLSRVANKDIQIKPITNFIKKNQTTQVANFVISNNSKNKEKSMEILNLLNTNPELLNGLVYGPEGK
NWEKIEGKENRVRVLDGYKGNTHMGGWNTGNNWILYINENVTDQQIENSKKELAEAKESPALGFIFNTDNVKSEISAIAN
TMQQFDTAINTGTVDPDKAIPELMEKLKSEGAYEKVLNEMQKQYDEFLKNKK
;
_entity_poly.pdbx_strand_id   A
#
loop_
_chem_comp.id
_chem_comp.type
_chem_comp.name
_chem_comp.formula
IOD non-polymer 'IODIDE ION' 'I -1'
#
# COMPACT_ATOMS: atom_id res chain seq x y z
N LYS A 1 -5.04 12.61 -32.13
CA LYS A 1 -5.90 13.84 -32.06
C LYS A 1 -6.36 14.21 -30.60
N PRO A 2 -7.36 13.52 -29.99
CA PRO A 2 -7.81 14.07 -28.70
C PRO A 2 -6.81 14.04 -27.55
N VAL A 3 -6.77 15.11 -26.76
CA VAL A 3 -5.96 15.16 -25.55
C VAL A 3 -6.74 14.47 -24.44
N ILE A 4 -6.13 13.42 -23.88
CA ILE A 4 -6.70 12.66 -22.77
C ILE A 4 -6.10 13.18 -21.49
N LYS A 5 -6.95 13.75 -20.63
CA LYS A 5 -6.47 14.34 -19.39
C LYS A 5 -6.46 13.35 -18.22
N MET A 6 -5.29 13.23 -17.58
CA MET A 6 -5.06 12.34 -16.45
C MET A 6 -4.68 13.13 -15.21
N TYR A 7 -5.38 12.85 -14.11
CA TYR A 7 -5.02 13.39 -12.81
C TYR A 7 -4.18 12.39 -12.05
N GLN A 8 -3.13 12.88 -11.41
CA GLN A 8 -2.19 12.03 -10.69
C GLN A 8 -1.93 12.59 -9.29
N ILE A 9 -1.79 11.68 -8.33
CA ILE A 9 -1.44 12.03 -6.96
C ILE A 9 0.06 12.42 -6.87
N GLY A 10 0.38 13.33 -5.97
CA GLY A 10 1.75 13.76 -5.74
C GLY A 10 2.22 14.97 -6.52
N ASP A 11 3.52 15.23 -6.44
CA ASP A 11 4.15 16.37 -7.11
C ASP A 11 4.77 15.96 -8.44
N LYS A 12 4.63 16.83 -9.43
CA LYS A 12 5.15 16.60 -10.77
C LYS A 12 6.67 16.34 -10.81
N PRO A 13 7.12 15.54 -11.80
CA PRO A 13 8.55 15.56 -12.09
C PRO A 13 8.96 16.92 -12.62
N ASP A 14 10.18 17.33 -12.35
CA ASP A 14 10.78 18.56 -12.91
C ASP A 14 10.72 18.58 -14.44
N ASN A 15 10.84 17.40 -15.03
CA ASN A 15 10.94 17.23 -16.48
C ASN A 15 9.66 16.64 -17.09
N LEU A 16 8.53 16.93 -16.46
CA LEU A 16 7.24 16.37 -16.88
C LEU A 16 6.93 16.64 -18.36
N ASP A 17 7.15 17.90 -18.80
CA ASP A 17 6.98 18.32 -20.22
CA ASP A 17 6.92 18.27 -20.21
C ASP A 17 7.72 17.39 -21.17
N GLU A 18 9.00 17.15 -20.86
CA GLU A 18 9.85 16.28 -21.67
C GLU A 18 9.41 14.83 -21.60
N LEU A 19 9.10 14.34 -20.38
CA LEU A 19 8.63 12.96 -20.22
C LEU A 19 7.40 12.69 -21.07
N LEU A 20 6.43 13.60 -21.03
CA LEU A 20 5.20 13.45 -21.77
C LEU A 20 5.40 13.56 -23.26
N ALA A 21 6.29 14.47 -23.68
CA ALA A 21 6.59 14.67 -25.10
C ALA A 21 7.24 13.40 -25.66
N ASN A 22 8.17 12.82 -24.91
CA ASN A 22 8.74 11.53 -25.28
C ASN A 22 7.68 10.39 -25.32
N ALA A 23 6.92 10.25 -24.24
CA ALA A 23 5.85 9.24 -24.15
C ALA A 23 4.81 9.40 -25.27
N ASN A 24 4.44 10.65 -25.61
CA ASN A 24 3.38 10.91 -26.57
C ASN A 24 3.69 10.56 -28.01
N LYS A 25 4.99 10.47 -28.35
CA LYS A 25 5.40 9.92 -29.66
C LYS A 25 4.85 8.51 -29.85
N ILE A 26 4.97 7.69 -28.80
CA ILE A 26 4.43 6.31 -28.83
C ILE A 26 2.90 6.32 -28.77
N ILE A 27 2.34 7.06 -27.81
CA ILE A 27 0.88 7.08 -27.59
C ILE A 27 0.17 7.55 -28.87
N GLU A 28 0.66 8.64 -29.47
CA GLU A 28 0.01 9.23 -30.64
C GLU A 28 -0.02 8.27 -31.81
N GLU A 29 1.12 7.66 -32.08
CA GLU A 29 1.23 6.67 -33.14
C GLU A 29 0.38 5.42 -32.87
N LYS A 30 0.44 4.90 -31.65
CA LYS A 30 -0.27 3.65 -31.31
C LYS A 30 -1.78 3.83 -31.25
N VAL A 31 -2.25 4.90 -30.60
CA VAL A 31 -3.70 5.06 -30.37
C VAL A 31 -4.39 6.27 -31.03
N GLY A 32 -3.62 7.22 -31.58
CA GLY A 32 -4.21 8.44 -32.17
C GLY A 32 -4.80 9.42 -31.16
N ALA A 33 -4.14 9.54 -30.01
CA ALA A 33 -4.49 10.46 -28.94
C ALA A 33 -3.19 10.92 -28.26
N LYS A 34 -3.28 11.93 -27.40
CA LYS A 34 -2.14 12.37 -26.60
C LYS A 34 -2.52 12.45 -25.13
N LEU A 35 -1.58 12.08 -24.27
CA LEU A 35 -1.84 12.06 -22.84
C LEU A 35 -1.37 13.34 -22.19
N ASP A 36 -2.25 13.95 -21.39
CA ASP A 36 -1.85 15.01 -20.49
C ASP A 36 -2.02 14.63 -19.02
N ILE A 37 -0.90 14.65 -18.29
CA ILE A 37 -0.89 14.31 -16.85
C ILE A 37 -0.68 15.57 -16.03
N GLN A 38 -1.62 15.81 -15.14
CA GLN A 38 -1.57 16.93 -14.20
C GLN A 38 -1.54 16.39 -12.77
N TYR A 39 -0.60 16.92 -12.01
CA TYR A 39 -0.39 16.49 -10.63
C TYR A 39 -1.11 17.42 -9.65
N LEU A 40 -1.83 16.82 -8.71
CA LEU A 40 -2.68 17.55 -7.78
C LEU A 40 -2.11 17.61 -6.35
N GLY A 41 -0.90 17.09 -6.16
CA GLY A 41 -0.27 17.07 -4.84
C GLY A 41 -0.54 15.81 -4.02
N TRP A 42 0.05 15.78 -2.83
CA TRP A 42 -0.10 14.68 -1.88
C TRP A 42 -1.18 14.95 -0.83
N GLY A 43 -1.08 16.13 -0.20
CA GLY A 43 -1.84 16.48 1.00
C GLY A 43 -3.34 16.57 0.83
N ASP A 44 -3.80 17.27 -0.21
CA ASP A 44 -5.22 17.49 -0.41
C ASP A 44 -5.78 16.75 -1.63
N TYR A 45 -5.27 15.54 -1.87
CA TYR A 45 -5.65 14.81 -3.08
C TYR A 45 -7.11 14.40 -3.09
N GLY A 46 -7.55 13.79 -1.99
CA GLY A 46 -8.96 13.44 -1.80
C GLY A 46 -9.88 14.62 -1.98
N LYS A 47 -9.54 15.72 -1.29
CA LYS A 47 -10.27 16.97 -1.32
C LYS A 47 -10.38 17.48 -2.77
N LYS A 48 -9.24 17.59 -3.47
CA LYS A 48 -9.25 18.05 -4.87
C LYS A 48 -10.05 17.09 -5.77
N MET A 49 -9.77 15.78 -5.66
CA MET A 49 -10.46 14.76 -6.46
C MET A 49 -11.98 14.68 -6.23
N SER A 50 -12.44 15.00 -5.02
CA SER A 50 -13.86 15.01 -4.67
C SER A 50 -14.63 16.16 -5.36
N VAL A 51 -14.00 17.32 -5.48
CA VAL A 51 -14.55 18.48 -6.22
C VAL A 51 -14.78 18.07 -7.70
N ILE A 52 -13.70 17.59 -8.33
CA ILE A 52 -13.67 17.12 -9.73
C ILE A 52 -14.81 16.12 -10.04
N THR A 53 -14.98 15.13 -9.17
CA THR A 53 -15.93 14.03 -9.39
C THR A 53 -17.40 14.39 -9.07
N SER A 54 -17.59 15.38 -8.20
CA SER A 54 -18.92 15.86 -7.80
C SER A 54 -19.57 16.74 -8.87
N SER A 55 -18.77 17.66 -9.41
CA SER A 55 -19.18 18.50 -10.55
C SER A 55 -19.13 17.71 -11.86
N GLY A 56 -19.66 18.31 -12.92
CA GLY A 56 -19.48 17.78 -14.28
C GLY A 56 -18.13 18.15 -14.88
N GLU A 57 -17.12 18.35 -14.02
CA GLU A 57 -15.80 18.81 -14.43
C GLU A 57 -15.17 17.80 -15.36
N ASN A 58 -14.62 18.29 -16.47
CA ASN A 58 -14.07 17.41 -17.49
C ASN A 58 -12.71 16.85 -17.11
N TYR A 59 -12.65 15.52 -17.09
CA TYR A 59 -11.40 14.78 -17.06
C TYR A 59 -11.66 13.45 -17.71
N ASP A 60 -10.60 12.74 -18.09
CA ASP A 60 -10.75 11.40 -18.65
C ASP A 60 -10.31 10.30 -17.67
N ILE A 61 -9.12 10.47 -17.08
CA ILE A 61 -8.52 9.48 -16.18
C ILE A 61 -8.11 10.18 -14.88
N ALA A 62 -8.26 9.49 -13.75
CA ALA A 62 -7.71 9.95 -12.48
C ALA A 62 -7.18 8.78 -11.64
N PHE A 63 -6.11 9.05 -10.91
CA PHE A 63 -5.73 8.21 -9.79
C PHE A 63 -6.90 8.31 -8.81
N ALA A 64 -7.60 7.20 -8.59
CA ALA A 64 -8.82 7.21 -7.76
C ALA A 64 -8.58 7.52 -6.29
N ASP A 65 -9.50 8.29 -5.70
CA ASP A 65 -9.56 8.48 -4.27
C ASP A 65 -10.93 8.00 -3.78
N ASN A 66 -10.93 7.35 -2.61
CA ASN A 66 -12.13 6.78 -1.99
C ASN A 66 -12.90 5.96 -3.02
N TYR A 67 -12.17 5.05 -3.65
CA TYR A 67 -12.63 4.30 -4.83
C TYR A 67 -13.94 3.51 -4.65
N ILE A 68 -14.06 2.78 -3.55
CA ILE A 68 -15.14 1.80 -3.39
C ILE A 68 -16.50 2.51 -3.36
N VAL A 69 -16.59 3.54 -2.51
CA VAL A 69 -17.77 4.39 -2.35
C VAL A 69 -18.15 5.11 -3.65
N ASN A 70 -17.18 5.75 -4.29
CA ASN A 70 -17.43 6.47 -5.54
C ASN A 70 -17.87 5.55 -6.68
N ALA A 71 -17.35 4.33 -6.70
CA ALA A 71 -17.71 3.32 -7.69
C ALA A 71 -19.18 2.91 -7.58
N GLN A 72 -19.69 2.91 -6.34
CA GLN A 72 -21.09 2.56 -6.03
C GLN A 72 -22.05 3.65 -6.48
N LYS A 73 -21.53 4.88 -6.54
CA LYS A 73 -22.26 6.10 -6.92
C LYS A 73 -22.26 6.38 -8.43
N GLY A 74 -21.74 5.45 -9.23
CA GLY A 74 -21.68 5.59 -10.69
C GLY A 74 -20.70 6.64 -11.22
N ALA A 75 -19.86 7.20 -10.34
CA ALA A 75 -18.84 8.20 -10.69
C ALA A 75 -17.85 7.74 -11.77
N TYR A 76 -17.73 6.41 -11.93
CA TYR A 76 -16.76 5.83 -12.84
C TYR A 76 -17.42 5.07 -13.99
N ALA A 77 -16.81 5.16 -15.16
CA ALA A 77 -17.18 4.32 -16.31
C ALA A 77 -17.01 2.84 -15.97
N ASP A 78 -18.02 2.05 -16.35
CA ASP A 78 -17.97 0.62 -16.23
C ASP A 78 -17.00 0.06 -17.27
N LEU A 79 -16.01 -0.67 -16.77
CA LEU A 79 -14.91 -1.14 -17.60
C LEU A 79 -15.13 -2.56 -18.12
N THR A 80 -16.22 -3.21 -17.68
CA THR A 80 -16.54 -4.57 -18.07
C THR A 80 -16.47 -4.73 -19.60
N GLU A 81 -17.20 -3.87 -20.33
CA GLU A 81 -17.13 -3.85 -21.80
C GLU A 81 -15.77 -3.34 -22.30
N LEU A 82 -15.29 -2.26 -21.68
CA LEU A 82 -13.99 -1.66 -22.02
C LEU A 82 -12.83 -2.66 -22.03
N TYR A 83 -12.89 -3.65 -21.13
CA TYR A 83 -11.84 -4.66 -20.97
C TYR A 83 -11.81 -5.80 -21.99
N LYS A 84 -12.92 -6.05 -22.70
CA LYS A 84 -12.94 -7.17 -23.66
C LYS A 84 -12.23 -6.85 -24.98
N LYS A 85 -12.05 -5.55 -25.24
CA LYS A 85 -11.40 -5.06 -26.47
C LYS A 85 -10.26 -4.06 -26.21
N GLU A 86 -10.59 -2.85 -25.75
CA GLU A 86 -9.60 -1.78 -25.56
C GLU A 86 -8.60 -2.11 -24.44
N GLY A 87 -9.11 -2.66 -23.33
CA GLY A 87 -8.27 -3.11 -22.22
C GLY A 87 -7.97 -4.60 -22.16
N LYS A 88 -7.94 -5.25 -23.31
CA LYS A 88 -7.82 -6.73 -23.40
C LYS A 88 -6.52 -7.30 -22.86
N ASP A 89 -5.41 -6.72 -23.27
CA ASP A 89 -4.07 -7.14 -22.88
C ASP A 89 -3.80 -6.88 -21.39
N LEU A 90 -4.28 -5.74 -20.90
CA LEU A 90 -4.19 -5.38 -19.49
C LEU A 90 -4.99 -6.34 -18.58
N TYR A 91 -6.22 -6.65 -18.97
CA TYR A 91 -7.10 -7.59 -18.26
C TYR A 91 -6.50 -8.98 -18.18
N LYS A 92 -5.97 -9.46 -19.31
CA LYS A 92 -5.30 -10.76 -19.39
C LYS A 92 -4.09 -10.86 -18.46
N ALA A 93 -3.32 -9.76 -18.37
CA ALA A 93 -2.09 -9.71 -17.56
C ALA A 93 -2.36 -9.53 -16.07
N LEU A 94 -3.57 -9.11 -15.70
CA LEU A 94 -3.89 -8.87 -14.29
C LEU A 94 -4.12 -10.14 -13.47
N ASP A 95 -3.44 -10.20 -12.32
CA ASP A 95 -3.73 -11.19 -11.30
C ASP A 95 -5.23 -11.11 -10.95
N PRO A 96 -5.92 -12.27 -10.92
CA PRO A 96 -7.35 -12.36 -10.56
C PRO A 96 -7.75 -11.59 -9.29
N ALA A 97 -6.87 -11.57 -8.29
CA ALA A 97 -7.12 -10.85 -7.01
C ALA A 97 -7.33 -9.33 -7.22
N TYR A 98 -6.67 -8.78 -8.24
CA TYR A 98 -6.87 -7.38 -8.66
C TYR A 98 -8.28 -7.12 -9.18
N ILE A 99 -8.84 -8.06 -9.92
CA ILE A 99 -10.24 -7.94 -10.37
C ILE A 99 -11.21 -8.07 -9.18
N LYS A 100 -11.03 -9.16 -8.43
CA LYS A 100 -11.87 -9.48 -7.26
C LYS A 100 -11.90 -8.33 -6.25
N GLY A 101 -10.71 -7.85 -5.89
CA GLY A 101 -10.57 -6.77 -4.90
C GLY A 101 -11.24 -5.47 -5.30
N ASN A 102 -11.35 -5.25 -6.61
CA ASN A 102 -11.86 -3.99 -7.17
C ASN A 102 -13.26 -4.07 -7.81
N THR A 103 -13.93 -5.20 -7.67
CA THR A 103 -15.29 -5.38 -8.19
C THR A 103 -16.28 -4.75 -7.20
N VAL A 104 -17.23 -4.02 -7.75
CA VAL A 104 -18.21 -3.26 -6.98
C VAL A 104 -19.55 -3.46 -7.71
N ASN A 105 -20.54 -3.99 -6.98
CA ASN A 105 -21.86 -4.38 -7.55
C ASN A 105 -21.72 -5.23 -8.83
N GLY A 106 -20.84 -6.23 -8.80
CA GLY A 106 -20.66 -7.14 -9.94
C GLY A 106 -19.90 -6.61 -11.15
N LYS A 107 -19.39 -5.38 -11.07
CA LYS A 107 -18.60 -4.81 -12.18
C LYS A 107 -17.28 -4.17 -11.73
N ILE A 108 -16.29 -4.16 -12.63
CA ILE A 108 -14.97 -3.57 -12.40
C ILE A 108 -14.89 -2.11 -12.91
N TYR A 109 -14.55 -1.19 -12.00
CA TYR A 109 -14.40 0.25 -12.33
C TYR A 109 -12.95 0.76 -12.34
N ALA A 110 -11.99 -0.15 -12.20
CA ALA A 110 -10.59 0.26 -12.00
C ALA A 110 -9.63 -0.41 -12.94
N VAL A 111 -8.60 0.38 -13.32
CA VAL A 111 -7.36 -0.15 -13.86
C VAL A 111 -6.30 -0.10 -12.72
N PRO A 112 -6.14 -1.23 -12.00
CA PRO A 112 -5.15 -1.26 -10.92
C PRO A 112 -3.73 -1.41 -11.46
N VAL A 113 -2.78 -0.73 -10.82
CA VAL A 113 -1.36 -0.89 -11.14
C VAL A 113 -0.89 -2.25 -10.58
N ALA A 114 -0.51 -3.15 -11.48
CA ALA A 114 -0.03 -4.48 -11.07
C ALA A 114 1.35 -4.32 -10.39
N ALA A 115 1.36 -4.50 -9.07
CA ALA A 115 2.59 -4.42 -8.28
C ALA A 115 2.51 -5.31 -7.03
N ASN A 116 2.44 -4.69 -5.85
CA ASN A 116 2.41 -5.47 -4.62
C ASN A 116 0.99 -5.96 -4.36
N VAL A 117 0.55 -6.94 -5.18
CA VAL A 117 -0.79 -7.56 -5.05
C VAL A 117 -0.94 -8.21 -3.67
N ALA A 118 0.20 -8.65 -3.13
CA ALA A 118 0.34 -9.13 -1.76
C ALA A 118 1.55 -8.45 -1.13
N SER A 119 1.52 -8.29 0.19
CA SER A 119 2.62 -7.67 0.93
C SER A 119 2.71 -8.32 2.30
N SER A 120 3.89 -8.21 2.88
CA SER A 120 4.17 -8.71 4.22
C SER A 120 4.66 -7.55 5.05
N GLN A 121 4.47 -7.65 6.37
CA GLN A 121 5.13 -6.71 7.30
C GLN A 121 6.48 -7.28 7.73
N ASN A 122 7.46 -6.39 7.84
CA ASN A 122 8.85 -6.79 8.11
C ASN A 122 9.54 -5.85 9.08
N PHE A 123 10.47 -6.42 9.84
CA PHE A 123 11.46 -5.60 10.51
C PHE A 123 12.55 -5.31 9.52
N ALA A 124 12.86 -4.03 9.35
CA ALA A 124 13.99 -3.60 8.52
C ALA A 124 15.09 -3.11 9.46
N PHE A 125 16.28 -3.70 9.32
CA PHE A 125 17.42 -3.42 10.19
C PHE A 125 18.45 -2.59 9.45
N ASN A 126 19.01 -1.63 10.19
CA ASN A 126 20.15 -0.83 9.76
C ASN A 126 21.43 -1.69 9.70
N GLY A 127 21.77 -2.16 8.49
CA GLY A 127 22.91 -3.06 8.28
C GLY A 127 24.26 -2.51 8.72
N THR A 128 24.43 -1.18 8.66
CA THR A 128 25.63 -0.50 9.19
C THR A 128 25.85 -0.85 10.67
N LEU A 129 24.79 -0.71 11.47
CA LEU A 129 24.85 -1.02 12.90
C LEU A 129 24.91 -2.51 13.19
N LEU A 130 24.20 -3.29 12.37
CA LEU A 130 24.27 -4.75 12.40
C LEU A 130 25.74 -5.20 12.29
N ALA A 131 26.45 -4.66 11.30
CA ALA A 131 27.87 -5.00 11.02
C ALA A 131 28.82 -4.43 12.06
N LYS A 132 28.61 -3.19 12.48
CA LYS A 132 29.44 -2.53 13.49
C LYS A 132 29.50 -3.32 14.82
N TYR A 133 28.36 -3.83 15.27
CA TYR A 133 28.24 -4.50 16.58
C TYR A 133 28.12 -6.02 16.53
N GLY A 134 28.05 -6.57 15.32
CA GLY A 134 27.96 -8.02 15.12
C GLY A 134 26.70 -8.58 15.74
N ILE A 135 25.58 -7.91 15.47
CA ILE A 135 24.28 -8.27 16.06
C ILE A 135 23.59 -9.28 15.17
N ASP A 136 23.21 -10.40 15.78
CA ASP A 136 22.65 -11.54 15.09
C ASP A 136 21.12 -11.47 15.11
N ILE A 137 20.52 -11.39 13.94
CA ILE A 137 19.09 -11.23 13.84
C ILE A 137 18.37 -12.48 13.29
N SER A 138 19.11 -13.59 13.20
CA SER A 138 18.57 -14.83 12.60
C SER A 138 17.41 -15.45 13.40
N GLY A 139 17.31 -15.11 14.69
CA GLY A 139 16.16 -15.52 15.51
C GLY A 139 14.93 -14.62 15.48
N VAL A 140 14.98 -13.54 14.71
CA VAL A 140 13.89 -12.54 14.74
C VAL A 140 12.74 -12.89 13.80
N THR A 141 11.58 -13.22 14.37
CA THR A 141 10.36 -13.50 13.58
C THR A 141 9.07 -12.80 14.09
N SER A 142 9.20 -11.93 15.09
CA SER A 142 8.03 -11.39 15.80
C SER A 142 8.45 -10.26 16.72
N TYR A 143 7.49 -9.47 17.21
CA TYR A 143 7.82 -8.43 18.21
C TYR A 143 8.52 -9.03 19.43
N GLU A 144 7.97 -10.14 19.92
CA GLU A 144 8.50 -10.82 21.09
C GLU A 144 10.01 -11.21 20.95
N THR A 145 10.38 -11.81 19.81
CA THR A 145 11.75 -12.23 19.56
C THR A 145 12.66 -11.10 19.06
N LEU A 146 12.12 -9.90 18.87
CA LEU A 146 12.93 -8.71 18.61
C LEU A 146 13.65 -8.23 19.88
N GLU A 147 13.10 -8.59 21.05
CA GLU A 147 13.60 -8.09 22.33
C GLU A 147 15.12 -8.22 22.56
N PRO A 148 15.72 -9.43 22.36
CA PRO A 148 17.17 -9.53 22.61
C PRO A 148 18.03 -8.57 21.81
N VAL A 149 17.72 -8.36 20.53
CA VAL A 149 18.54 -7.45 19.68
C VAL A 149 18.35 -5.97 20.05
N LEU A 150 17.18 -5.62 20.58
CA LEU A 150 16.89 -4.27 21.04
C LEU A 150 17.70 -3.96 22.30
N LYS A 151 17.73 -4.91 23.23
CA LYS A 151 18.60 -4.84 24.41
C LYS A 151 20.08 -4.62 24.04
N GLN A 152 20.56 -5.34 23.02
CA GLN A 152 21.95 -5.24 22.56
C GLN A 152 22.25 -3.89 21.94
N ILE A 153 21.36 -3.37 21.10
CA ILE A 153 21.63 -2.04 20.56
C ILE A 153 21.53 -0.95 21.66
N LYS A 154 20.64 -1.16 22.64
CA LYS A 154 20.50 -0.25 23.79
C LYS A 154 21.80 -0.20 24.63
N GLU A 155 22.34 -1.40 24.94
CA GLU A 155 23.70 -1.68 25.45
C GLU A 155 24.71 -0.82 24.72
N LYS A 156 24.87 -1.12 23.42
CA LYS A 156 26.06 -0.81 22.66
C LYS A 156 26.05 0.54 22.00
N ALA A 157 24.86 1.02 21.63
CA ALA A 157 24.72 2.32 20.97
C ALA A 157 23.60 3.14 21.60
N PRO A 158 23.87 3.72 22.80
CA PRO A 158 22.77 4.31 23.58
C PRO A 158 22.09 5.56 22.96
N ASP A 159 22.70 6.19 21.96
CA ASP A 159 22.09 7.36 21.31
C ASP A 159 21.19 6.97 20.13
N VAL A 160 21.28 5.71 19.71
CA VAL A 160 20.48 5.18 18.59
C VAL A 160 19.07 4.82 19.11
N VAL A 161 18.04 5.17 18.34
CA VAL A 161 16.66 4.72 18.63
C VAL A 161 16.56 3.22 18.28
N PRO A 162 16.36 2.33 19.28
CA PRO A 162 16.33 0.89 18.92
C PRO A 162 15.23 0.51 17.90
N PHE A 163 13.97 0.84 18.21
CA PHE A 163 12.86 0.51 17.36
C PHE A 163 12.18 1.82 16.98
N ALA A 164 12.42 2.23 15.74
CA ALA A 164 12.01 3.53 15.24
C ALA A 164 10.57 3.51 14.78
N ILE A 165 9.66 3.76 15.71
CA ILE A 165 8.23 3.83 15.40
C ILE A 165 7.64 5.18 15.83
N GLY A 166 6.55 5.57 15.18
CA GLY A 166 5.89 6.86 15.43
C GLY A 166 4.43 6.75 15.86
N LYS A 167 3.73 7.88 15.89
CA LYS A 167 2.37 8.00 16.39
C LYS A 167 1.32 7.15 15.66
N VAL A 168 1.62 6.75 14.43
CA VAL A 168 0.73 5.97 13.58
C VAL A 168 0.88 4.45 13.80
N PHE A 169 1.89 4.06 14.57
CA PHE A 169 2.16 2.64 14.76
C PHE A 169 1.00 1.87 15.39
N ILE A 170 0.76 0.69 14.82
CA ILE A 170 -0.04 -0.35 15.47
C ILE A 170 0.63 -1.71 15.19
N PRO A 171 0.70 -2.63 16.19
CA PRO A 171 1.24 -3.96 15.87
C PRO A 171 0.53 -4.62 14.70
N SER A 172 1.30 -5.30 13.86
CA SER A 172 0.78 -6.01 12.70
C SER A 172 0.60 -7.46 13.07
N ASP A 173 -0.45 -8.07 12.55
CA ASP A 173 -0.55 -9.53 12.55
C ASP A 173 -1.15 -10.00 11.23
N ASN A 174 -1.43 -11.29 11.12
CA ASN A 174 -2.17 -11.86 10.00
C ASN A 174 -3.67 -11.58 10.14
N PHE A 175 -4.00 -10.29 10.05
CA PHE A 175 -5.37 -9.77 10.13
C PHE A 175 -5.73 -9.12 8.82
N ASP A 176 -7.01 -9.16 8.49
CA ASP A 176 -7.54 -8.38 7.37
C ASP A 176 -8.57 -7.36 7.88
N TYR A 177 -8.22 -6.07 7.73
CA TYR A 177 -9.14 -4.94 7.83
C TYR A 177 -9.67 -4.65 6.43
N PRO A 178 -10.91 -5.08 6.14
CA PRO A 178 -11.41 -5.03 4.76
C PRO A 178 -11.82 -3.62 4.34
N VAL A 179 -12.23 -2.83 5.35
CA VAL A 179 -12.69 -1.45 5.22
C VAL A 179 -11.66 -0.48 5.86
N ALA A 180 -11.20 0.47 5.05
CA ALA A 180 -10.17 1.44 5.43
C ALA A 180 -10.66 2.52 6.42
N ASN A 181 -10.44 2.26 7.71
CA ASN A 181 -10.80 3.15 8.82
C ASN A 181 -9.63 3.13 9.84
N GLY A 182 -9.77 3.50 11.13
CA GLY A 182 -10.98 4.01 11.80
C GLY A 182 -11.47 3.09 12.92
N LEU A 183 -11.53 1.79 12.62
CA LEU A 183 -12.20 0.79 13.45
C LEU A 183 -11.32 -0.39 13.82
N PRO A 184 -11.56 -1.03 14.99
CA PRO A 184 -10.67 -2.11 15.43
C PRO A 184 -11.08 -3.52 14.93
N PHE A 185 -11.99 -3.60 13.96
CA PHE A 185 -12.54 -4.89 13.54
C PHE A 185 -11.69 -5.53 12.46
N VAL A 186 -11.48 -6.83 12.60
CA VAL A 186 -10.67 -7.60 11.67
C VAL A 186 -11.27 -8.98 11.44
N ILE A 187 -10.87 -9.59 10.33
CA ILE A 187 -10.89 -11.04 10.19
C ILE A 187 -9.50 -11.51 10.63
N ASP A 188 -9.48 -12.40 11.61
CA ASP A 188 -8.25 -13.07 11.98
C ASP A 188 -8.06 -14.28 11.05
N LEU A 189 -7.07 -14.15 10.18
CA LEU A 189 -6.76 -15.14 9.15
C LEU A 189 -6.26 -16.46 9.72
N GLU A 190 -5.73 -16.43 10.93
CA GLU A 190 -5.35 -17.64 11.68
C GLU A 190 -6.42 -18.10 12.69
N GLY A 191 -7.51 -17.34 12.81
CA GLY A 191 -8.55 -17.65 13.79
C GLY A 191 -9.73 -18.30 13.09
N ASP A 192 -10.93 -17.84 13.39
CA ASP A 192 -12.12 -18.27 12.69
C ASP A 192 -12.37 -17.28 11.55
N THR A 193 -12.07 -17.71 10.32
CA THR A 193 -12.14 -16.81 9.14
C THR A 193 -13.56 -16.41 8.76
N THR A 194 -14.56 -16.98 9.45
CA THR A 194 -15.98 -16.63 9.29
C THR A 194 -16.44 -15.49 10.25
N LYS A 195 -15.58 -15.11 11.20
CA LYS A 195 -15.98 -14.19 12.26
C LYS A 195 -15.28 -12.84 12.19
N VAL A 196 -16.03 -11.77 12.40
CA VAL A 196 -15.44 -10.45 12.62
C VAL A 196 -15.16 -10.34 14.12
N VAL A 197 -13.89 -10.07 14.46
CA VAL A 197 -13.45 -9.91 15.84
C VAL A 197 -12.84 -8.51 16.10
N ASN A 198 -12.74 -8.15 17.37
CA ASN A 198 -12.04 -6.95 17.77
C ASN A 198 -10.59 -7.32 18.01
N ARG A 199 -9.68 -6.66 17.31
CA ARG A 199 -8.24 -6.88 17.47
C ARG A 199 -7.78 -6.85 18.94
N TYR A 200 -8.31 -5.93 19.74
CA TYR A 200 -7.90 -5.84 21.15
C TYR A 200 -8.37 -7.00 22.05
N GLU A 201 -9.22 -7.89 21.50
CA GLU A 201 -9.66 -9.11 22.19
C GLU A 201 -9.02 -10.37 21.61
N VAL A 202 -8.15 -10.21 20.62
CA VAL A 202 -7.42 -11.36 20.07
C VAL A 202 -6.22 -11.59 20.98
N PRO A 203 -6.12 -12.81 21.59
CA PRO A 203 -5.07 -13.09 22.58
C PRO A 203 -3.65 -12.67 22.17
N ARG A 204 -3.15 -13.15 21.01
CA ARG A 204 -1.77 -12.82 20.59
C ARG A 204 -1.60 -11.34 20.22
N PHE A 205 -2.70 -10.66 19.87
CA PHE A 205 -2.64 -9.22 19.59
C PHE A 205 -2.44 -8.44 20.86
N LYS A 206 -3.22 -8.77 21.89
CA LYS A 206 -3.00 -8.21 23.24
C LYS A 206 -1.57 -8.48 23.73
N GLU A 207 -1.06 -9.68 23.47
CA GLU A 207 0.34 -10.00 23.78
C GLU A 207 1.33 -9.08 23.07
N HIS A 208 1.08 -8.72 21.79
CA HIS A 208 1.93 -7.73 21.06
C HIS A 208 1.97 -6.38 21.74
N LEU A 209 0.82 -5.96 22.27
CA LEU A 209 0.73 -4.66 22.97
C LEU A 209 1.44 -4.71 24.34
N LYS A 210 1.37 -5.85 25.02
CA LYS A 210 2.09 -6.02 26.30
C LYS A 210 3.61 -5.90 26.05
N THR A 211 4.09 -6.64 25.06
CA THR A 211 5.45 -6.55 24.52
C THR A 211 5.87 -5.12 24.19
N LEU A 212 5.04 -4.40 23.45
CA LEU A 212 5.34 -2.99 23.09
C LEU A 212 5.42 -2.07 24.30
N HIS A 213 4.59 -2.33 25.30
CA HIS A 213 4.64 -1.57 26.53
C HIS A 213 5.92 -1.85 27.31
N LYS A 214 6.38 -3.12 27.33
CA LYS A 214 7.71 -3.46 27.87
C LYS A 214 8.80 -2.74 27.08
N PHE A 215 8.64 -2.67 25.77
CA PHE A 215 9.58 -1.98 24.90
C PHE A 215 9.59 -0.48 25.22
N TYR A 216 8.41 0.05 25.52
CA TYR A 216 8.27 1.44 25.93
C TYR A 216 9.01 1.74 27.23
N GLU A 217 8.79 0.86 28.21
CA GLU A 217 9.36 1.03 29.54
C GLU A 217 10.87 0.84 29.58
N ALA A 218 11.40 -0.02 28.71
CA ALA A 218 12.86 -0.25 28.60
C ALA A 218 13.58 0.84 27.80
N GLY A 219 12.83 1.80 27.27
CA GLY A 219 13.40 2.84 26.39
C GLY A 219 13.77 2.37 24.98
N TYR A 220 13.19 1.26 24.51
CA TYR A 220 13.44 0.77 23.14
C TYR A 220 12.67 1.53 22.08
N ILE A 221 11.60 2.18 22.49
CA ILE A 221 10.84 3.01 21.57
C ILE A 221 10.83 4.44 22.13
N PRO A 222 10.75 5.47 21.25
CA PRO A 222 10.79 6.86 21.75
C PRO A 222 9.75 7.13 22.86
N LYS A 223 10.16 7.85 23.90
CA LYS A 223 9.29 8.25 25.00
C LYS A 223 8.06 9.00 24.47
N ASP A 224 8.28 9.83 23.46
CA ASP A 224 7.27 10.66 22.81
C ASP A 224 6.68 10.04 21.53
N VAL A 225 6.72 8.70 21.45
CA VAL A 225 6.09 7.96 20.35
C VAL A 225 4.67 8.44 19.98
N ALA A 226 3.87 8.78 20.99
CA ALA A 226 2.46 9.12 20.78
C ALA A 226 2.27 10.47 20.02
N THR A 227 3.29 11.33 20.03
CA THR A 227 3.25 12.61 19.29
C THR A 227 4.28 12.73 18.14
N SER A 228 5.13 11.73 17.99
CA SER A 228 6.20 11.79 16.99
C SER A 228 5.76 11.17 15.67
N ASP A 229 6.13 11.83 14.57
CA ASP A 229 5.95 11.26 13.23
C ASP A 229 7.23 11.44 12.41
N THR A 230 8.38 11.13 13.03
CA THR A 230 9.68 11.30 12.38
C THR A 230 10.07 10.07 11.55
N PHE A 232 12.14 8.20 10.36
CA PHE A 232 13.57 8.24 10.62
C PHE A 232 14.24 7.94 9.30
N ASP A 233 14.63 9.00 8.59
CA ASP A 233 15.21 8.87 7.25
C ASP A 233 16.17 7.68 7.22
N LEU A 234 15.89 6.78 6.28
CA LEU A 234 16.58 5.50 6.11
C LEU A 234 18.10 5.60 5.98
N GLN A 235 18.57 6.74 5.45
CA GLN A 235 19.98 6.92 5.12
C GLN A 235 20.79 7.19 6.39
N GLN A 236 20.15 7.81 7.37
CA GLN A 236 20.78 8.18 8.64
C GLN A 236 20.96 6.97 9.58
N ASP A 237 21.87 7.12 10.54
CA ASP A 237 22.18 6.03 11.49
C ASP A 237 21.65 6.29 12.90
N THR A 238 20.50 6.97 12.98
CA THR A 238 19.85 7.29 14.26
C THR A 238 18.91 6.18 14.75
N TRP A 239 18.70 5.15 13.92
CA TRP A 239 17.75 4.09 14.22
C TRP A 239 18.36 2.70 13.97
N PHE A 240 17.86 1.69 14.69
CA PHE A 240 18.35 0.32 14.52
C PHE A 240 17.39 -0.58 13.74
N VAL A 241 16.13 -0.60 14.15
CA VAL A 241 15.09 -1.38 13.44
C VAL A 241 13.82 -0.53 13.24
N ARG A 242 13.17 -0.75 12.11
CA ARG A 242 11.91 -0.11 11.76
C ARG A 242 10.97 -1.17 11.24
N GLU A 243 9.67 -0.89 11.27
CA GLU A 243 8.72 -1.71 10.54
C GLU A 243 8.46 -1.20 9.12
N GLU A 244 8.55 -2.11 8.16
CA GLU A 244 8.38 -1.80 6.73
C GLU A 244 7.54 -2.85 6.02
N THR A 245 6.70 -2.35 5.12
CA THR A 245 5.89 -3.20 4.23
C THR A 245 6.74 -3.56 3.02
N VAL A 246 6.86 -4.86 2.74
CA VAL A 246 7.61 -5.34 1.57
C VAL A 246 6.71 -6.27 0.75
N GLY A 247 6.64 -6.03 -0.56
CA GLY A 247 5.96 -6.92 -1.49
C GLY A 247 6.91 -7.35 -2.60
N PRO A 248 6.45 -8.27 -3.48
CA PRO A 248 7.30 -8.86 -4.54
C PRO A 248 7.87 -7.86 -5.54
N ALA A 249 7.16 -6.75 -5.77
CA ALA A 249 7.64 -5.69 -6.66
C ALA A 249 8.85 -4.91 -6.11
N ASP A 250 9.13 -5.09 -4.81
CA ASP A 250 10.25 -4.48 -4.11
C ASP A 250 11.54 -5.31 -4.16
N TYR A 251 11.43 -6.56 -4.61
CA TYR A 251 12.55 -7.54 -4.67
C TYR A 251 13.30 -7.68 -3.32
N GLY A 252 12.56 -8.09 -2.29
CA GLY A 252 13.14 -8.31 -0.96
C GLY A 252 13.62 -7.00 -0.38
N ASN A 253 14.88 -6.99 0.06
CA ASN A 253 15.48 -5.79 0.64
C ASN A 253 16.01 -4.77 -0.39
N SER A 254 15.86 -5.09 -1.69
CA SER A 254 16.40 -4.29 -2.80
C SER A 254 15.98 -2.82 -2.78
N LEU A 255 14.67 -2.57 -2.78
CA LEU A 255 14.09 -1.23 -2.77
C LEU A 255 14.56 -0.42 -1.55
N LEU A 256 14.41 -0.99 -0.36
CA LEU A 256 14.85 -0.34 0.87
C LEU A 256 16.35 -0.01 0.89
N SER A 257 17.19 -0.97 0.48
CA SER A 257 18.66 -0.83 0.44
C SER A 257 19.12 0.25 -0.56
N ARG A 258 18.42 0.34 -1.70
CA ARG A 258 18.63 1.40 -2.68
C ARG A 258 18.26 2.79 -2.15
N VAL A 259 17.05 2.95 -1.60
CA VAL A 259 16.61 4.22 -1.00
C VAL A 259 17.48 4.63 0.19
N ALA A 260 17.79 3.68 1.07
CA ALA A 260 18.67 3.93 2.22
C ALA A 260 20.12 4.19 1.79
N ASN A 261 20.43 3.78 0.57
CA ASN A 261 21.78 3.73 0.01
C ASN A 261 22.78 2.99 0.93
N LYS A 262 22.26 2.00 1.65
CA LYS A 262 23.06 1.10 2.48
C LYS A 262 22.37 -0.23 2.69
N ASP A 263 23.09 -1.20 3.25
CA ASP A 263 22.52 -2.51 3.54
C ASP A 263 21.33 -2.40 4.51
N ILE A 264 20.15 -2.79 4.03
CA ILE A 264 18.97 -2.96 4.89
C ILE A 264 18.55 -4.43 4.89
N GLN A 265 18.58 -5.05 6.06
CA GLN A 265 18.16 -6.44 6.19
C GLN A 265 16.75 -6.58 6.76
N ILE A 266 15.99 -7.51 6.18
CA ILE A 266 14.57 -7.64 6.49
C ILE A 266 14.24 -9.00 7.07
N LYS A 267 13.30 -9.01 8.00
CA LYS A 267 12.82 -10.20 8.65
C LYS A 267 11.29 -10.11 8.66
N PRO A 268 10.59 -11.03 7.94
CA PRO A 268 9.12 -10.92 7.86
C PRO A 268 8.47 -11.26 9.20
N ILE A 269 7.34 -10.61 9.47
CA ILE A 269 6.55 -10.91 10.66
C ILE A 269 5.10 -11.33 10.36
N THR A 270 4.63 -11.03 9.15
CA THR A 270 3.30 -11.46 8.70
C THR A 270 3.46 -12.17 7.36
N ASN A 271 2.48 -12.99 6.98
CA ASN A 271 2.47 -13.67 5.69
C ASN A 271 2.10 -12.71 4.56
N PHE A 272 2.49 -13.08 3.34
CA PHE A 272 2.11 -12.32 2.14
C PHE A 272 0.65 -12.61 1.85
N ILE A 273 -0.19 -11.58 1.92
CA ILE A 273 -1.62 -11.77 1.73
C ILE A 273 -2.14 -10.82 0.67
N LYS A 274 -2.99 -11.36 -0.21
CA LYS A 274 -3.76 -10.58 -1.18
C LYS A 274 -5.10 -10.19 -0.55
N LYS A 275 -5.29 -8.90 -0.37
CA LYS A 275 -6.48 -8.39 0.33
C LYS A 275 -6.94 -7.08 -0.28
N ASN A 276 -8.05 -6.54 0.22
CA ASN A 276 -8.60 -5.27 -0.25
C ASN A 276 -7.55 -4.17 -0.23
N GLN A 277 -6.83 -4.04 0.87
CA GLN A 277 -5.84 -2.98 1.01
C GLN A 277 -4.73 -3.07 -0.06
N THR A 278 -4.27 -4.29 -0.37
CA THR A 278 -3.18 -4.46 -1.32
C THR A 278 -3.67 -4.39 -2.79
N THR A 279 -4.92 -4.75 -3.05
CA THR A 279 -5.42 -4.74 -4.43
C THR A 279 -6.02 -3.39 -4.86
N GLN A 280 -6.32 -2.53 -3.88
CA GLN A 280 -6.97 -1.23 -4.12
C GLN A 280 -6.07 -0.01 -3.90
N VAL A 281 -4.78 -0.24 -3.69
CA VAL A 281 -3.89 0.86 -3.32
C VAL A 281 -3.62 1.88 -4.49
N ALA A 282 -3.64 1.41 -5.73
CA ALA A 282 -3.28 2.28 -6.89
C ALA A 282 -4.15 2.02 -8.11
N ASN A 283 -5.34 2.61 -8.10
CA ASN A 283 -6.31 2.41 -9.18
C ASN A 283 -6.49 3.66 -10.04
N PHE A 284 -6.48 3.45 -11.36
CA PHE A 284 -6.97 4.47 -12.28
C PHE A 284 -8.41 4.19 -12.68
N VAL A 285 -9.17 5.26 -12.76
CA VAL A 285 -10.57 5.24 -13.13
C VAL A 285 -10.79 6.11 -14.38
N ILE A 286 -11.77 5.71 -15.18
CA ILE A 286 -12.25 6.55 -16.27
C ILE A 286 -13.53 7.25 -15.82
N SER A 287 -13.53 8.59 -15.91
CA SER A 287 -14.69 9.44 -15.57
C SER A 287 -15.96 8.95 -16.25
N ASN A 288 -17.07 9.01 -15.50
CA ASN A 288 -18.39 8.65 -16.02
C ASN A 288 -18.83 9.62 -17.13
N ASN A 289 -18.43 10.88 -16.97
CA ASN A 289 -18.68 11.95 -17.92
C ASN A 289 -17.39 12.29 -18.67
N SER A 290 -16.94 11.34 -19.51
CA SER A 290 -15.76 11.49 -20.35
C SER A 290 -16.09 11.19 -21.80
N LYS A 291 -15.66 12.10 -22.68
CA LYS A 291 -15.94 12.03 -24.11
C LYS A 291 -15.08 11.01 -24.88
N ASN A 292 -14.04 10.47 -24.23
CA ASN A 292 -13.15 9.49 -24.87
C ASN A 292 -12.81 8.28 -23.98
N LYS A 293 -13.85 7.58 -23.51
CA LYS A 293 -13.72 6.41 -22.66
C LYS A 293 -12.90 5.31 -23.34
N GLU A 294 -13.17 5.10 -24.63
CA GLU A 294 -12.48 4.13 -25.46
C GLU A 294 -10.99 4.44 -25.53
N LYS A 295 -10.64 5.68 -25.87
CA LYS A 295 -9.23 6.04 -26.06
C LYS A 295 -8.46 6.18 -24.73
N SER A 296 -9.15 6.62 -23.67
CA SER A 296 -8.60 6.64 -22.31
C SER A 296 -8.19 5.23 -21.88
N MET A 297 -9.07 4.26 -22.13
CA MET A 297 -8.78 2.84 -21.88
C MET A 297 -7.63 2.35 -22.74
N GLU A 298 -7.61 2.75 -24.00
CA GLU A 298 -6.51 2.40 -24.89
C GLU A 298 -5.16 2.90 -24.38
N ILE A 299 -5.15 4.10 -23.78
CA ILE A 299 -3.89 4.65 -23.24
C ILE A 299 -3.49 3.85 -22.01
N LEU A 300 -4.47 3.51 -21.18
CA LEU A 300 -4.21 2.70 -20.00
C LEU A 300 -3.73 1.31 -20.37
N ASN A 301 -4.25 0.77 -21.46
CA ASN A 301 -3.82 -0.55 -21.92
C ASN A 301 -2.36 -0.49 -22.28
N LEU A 302 -2.02 0.54 -23.05
CA LEU A 302 -0.67 0.79 -23.51
C LEU A 302 0.30 1.07 -22.37
N LEU A 303 -0.11 1.94 -21.43
CA LEU A 303 0.71 2.25 -20.24
C LEU A 303 1.13 1.03 -19.45
N ASN A 304 0.27 0.00 -19.50
CA ASN A 304 0.45 -1.23 -18.74
C ASN A 304 0.98 -2.41 -19.56
N THR A 305 1.14 -2.23 -20.88
CA THR A 305 1.65 -3.33 -21.71
C THR A 305 2.87 -2.97 -22.56
N ASN A 306 3.14 -1.68 -22.75
CA ASN A 306 4.29 -1.22 -23.57
C ASN A 306 5.52 -0.88 -22.72
N PRO A 307 6.56 -1.74 -22.75
CA PRO A 307 7.78 -1.57 -21.94
C PRO A 307 8.55 -0.26 -22.22
N GLU A 308 8.78 0.06 -23.49
CA GLU A 308 9.42 1.31 -23.88
C GLU A 308 8.71 2.52 -23.27
N LEU A 309 7.38 2.58 -23.41
CA LEU A 309 6.54 3.66 -22.87
C LEU A 309 6.64 3.76 -21.36
N LEU A 310 6.34 2.67 -20.66
CA LEU A 310 6.29 2.70 -19.20
C LEU A 310 7.66 2.98 -18.59
N ASN A 311 8.67 2.25 -19.07
CA ASN A 311 10.05 2.46 -18.57
C ASN A 311 10.58 3.86 -18.80
N GLY A 312 10.23 4.47 -19.92
CA GLY A 312 10.58 5.89 -20.19
C GLY A 312 9.99 6.84 -19.15
N LEU A 313 8.77 6.54 -18.68
CA LEU A 313 8.09 7.36 -17.68
C LEU A 313 8.60 7.11 -16.27
N VAL A 314 8.80 5.85 -15.92
CA VAL A 314 9.11 5.45 -14.55
C VAL A 314 10.60 5.59 -14.26
N TYR A 315 11.45 5.31 -15.25
CA TYR A 315 12.89 5.55 -15.11
C TYR A 315 13.37 6.94 -15.59
N GLY A 316 12.64 7.56 -16.51
CA GLY A 316 12.99 8.89 -17.01
C GLY A 316 13.83 8.79 -18.28
N PRO A 317 14.53 9.90 -18.66
CA PRO A 317 15.25 9.92 -19.95
C PRO A 317 16.36 8.85 -20.04
N GLU A 318 16.18 7.94 -20.99
CA GLU A 318 17.19 6.92 -21.32
C GLU A 318 18.53 7.58 -21.70
N GLY A 319 19.62 7.04 -21.16
CA GLY A 319 20.96 7.56 -21.40
C GLY A 319 21.40 8.57 -20.37
N LYS A 320 20.44 9.22 -19.70
CA LYS A 320 20.72 10.18 -18.62
C LYS A 320 20.34 9.64 -17.24
N ASN A 321 19.14 9.09 -17.11
CA ASN A 321 18.73 8.45 -15.86
C ASN A 321 19.09 6.98 -15.75
N TRP A 322 19.29 6.33 -16.91
CA TRP A 322 19.50 4.88 -16.98
C TRP A 322 20.08 4.43 -18.31
N GLU A 323 20.58 3.19 -18.30
CA GLU A 323 21.13 2.53 -19.47
C GLU A 323 20.67 1.08 -19.50
N LYS A 324 20.42 0.55 -20.70
CA LYS A 324 20.25 -0.89 -20.89
C LYS A 324 21.59 -1.59 -20.66
N ILE A 325 21.50 -2.83 -20.17
CA ILE A 325 22.68 -3.70 -20.03
C ILE A 325 22.72 -4.62 -21.24
N GLU A 326 23.72 -4.40 -22.12
CA GLU A 326 23.92 -5.27 -23.29
C GLU A 326 24.13 -6.73 -22.86
N GLY A 327 23.42 -7.64 -23.51
CA GLY A 327 23.48 -9.07 -23.20
C GLY A 327 22.49 -9.53 -22.14
N LYS A 328 22.01 -8.60 -21.31
CA LYS A 328 21.01 -8.90 -20.27
C LYS A 328 19.67 -8.19 -20.56
N GLU A 329 18.78 -8.93 -21.22
CA GLU A 329 17.42 -8.47 -21.51
C GLU A 329 16.71 -8.10 -20.20
N ASN A 330 15.89 -7.05 -20.23
CA ASN A 330 15.07 -6.61 -19.09
C ASN A 330 15.86 -5.96 -17.92
N ARG A 331 17.15 -5.72 -18.12
CA ARG A 331 18.00 -5.20 -17.07
C ARG A 331 18.60 -3.83 -17.35
N VAL A 332 18.59 -2.98 -16.32
CA VAL A 332 19.11 -1.62 -16.44
C VAL A 332 20.09 -1.25 -15.34
N ARG A 333 21.01 -0.34 -15.72
CA ARG A 333 21.91 0.34 -14.82
C ARG A 333 21.35 1.75 -14.65
N VAL A 334 21.05 2.07 -13.40
CA VAL A 334 20.48 3.34 -12.99
C VAL A 334 21.63 4.31 -12.77
N LEU A 335 21.48 5.54 -13.25
CA LEU A 335 22.54 6.53 -13.19
C LEU A 335 22.19 7.67 -12.24
N ASP A 336 23.12 8.60 -12.07
CA ASP A 336 22.97 9.75 -11.18
C ASP A 336 21.68 10.56 -11.34
N GLY A 337 21.26 10.80 -12.59
CA GLY A 337 20.03 11.52 -12.93
C GLY A 337 18.77 11.00 -12.24
N TYR A 338 18.70 9.68 -12.05
CA TYR A 338 17.55 9.04 -11.42
C TYR A 338 17.32 9.48 -9.96
N LYS A 339 18.37 9.98 -9.30
CA LYS A 339 18.28 10.49 -7.92
C LYS A 339 17.41 11.75 -7.82
N GLY A 340 17.33 12.51 -8.90
CA GLY A 340 16.46 13.66 -8.97
C GLY A 340 14.98 13.32 -9.05
N ASN A 341 14.17 14.39 -9.09
CA ASN A 341 12.75 14.31 -9.34
C ASN A 341 12.53 14.40 -10.85
N THR A 342 12.92 13.32 -11.53
CA THR A 342 13.11 13.32 -12.99
C THR A 342 12.38 12.15 -13.67
N HIS A 343 11.40 11.58 -12.97
CA HIS A 343 10.71 10.35 -13.42
C HIS A 343 9.47 10.17 -12.55
N MET A 344 8.57 9.29 -12.98
CA MET A 344 7.32 9.05 -12.26
C MET A 344 7.47 7.88 -11.27
N GLY A 345 6.49 7.71 -10.39
CA GLY A 345 6.55 6.66 -9.38
C GLY A 345 6.23 5.32 -10.01
N GLY A 346 6.94 4.29 -9.57
CA GLY A 346 6.69 2.93 -10.03
C GLY A 346 5.35 2.37 -9.56
N TRP A 347 5.02 2.61 -8.29
CA TRP A 347 3.81 2.07 -7.66
C TRP A 347 2.49 2.55 -8.27
N ASN A 348 2.50 3.74 -8.87
CA ASN A 348 1.25 4.37 -9.33
C ASN A 348 1.19 4.75 -10.82
N THR A 349 2.07 4.20 -11.64
CA THR A 349 2.04 4.57 -13.06
C THR A 349 1.51 3.43 -13.89
N GLY A 350 2.16 2.27 -13.81
CA GLY A 350 1.70 1.13 -14.56
C GLY A 350 2.39 -0.15 -14.20
N ASN A 351 1.84 -1.23 -14.74
CA ASN A 351 2.30 -2.60 -14.57
C ASN A 351 3.81 -2.77 -14.30
N ASN A 352 4.14 -3.00 -13.03
CA ASN A 352 5.54 -3.17 -12.59
C ASN A 352 6.26 -4.35 -13.21
N TRP A 353 5.51 -5.31 -13.73
CA TRP A 353 6.13 -6.52 -14.29
C TRP A 353 6.73 -6.36 -15.68
N ILE A 354 6.45 -5.23 -16.31
CA ILE A 354 7.12 -4.82 -17.55
C ILE A 354 8.21 -3.74 -17.30
N LEU A 355 8.38 -3.35 -16.04
CA LEU A 355 9.50 -2.46 -15.70
C LEU A 355 10.80 -3.23 -15.75
N TYR A 356 11.81 -2.59 -16.33
CA TYR A 356 13.17 -3.13 -16.29
C TYR A 356 13.67 -3.29 -14.84
N ILE A 357 14.47 -4.33 -14.61
CA ILE A 357 14.94 -4.69 -13.26
C ILE A 357 16.35 -4.15 -13.06
N ASN A 358 16.50 -3.35 -12.01
CA ASN A 358 17.77 -2.75 -11.60
C ASN A 358 18.86 -3.82 -11.47
N GLU A 359 20.06 -3.51 -11.99
CA GLU A 359 21.20 -4.46 -11.99
C GLU A 359 21.61 -4.94 -10.59
N ASN A 360 21.33 -4.13 -9.57
CA ASN A 360 21.68 -4.45 -8.19
C ASN A 360 20.77 -5.50 -7.55
N VAL A 361 19.64 -5.81 -8.19
CA VAL A 361 18.76 -6.91 -7.76
C VAL A 361 19.44 -8.22 -8.13
N THR A 362 19.66 -9.09 -7.14
CA THR A 362 20.36 -10.38 -7.38
C THR A 362 19.46 -11.35 -8.13
N ASP A 363 20.03 -12.38 -8.73
CA ASP A 363 19.24 -13.49 -9.29
C ASP A 363 18.29 -14.18 -8.29
N GLN A 364 18.78 -14.45 -7.09
CA GLN A 364 17.99 -15.04 -6.02
C GLN A 364 16.79 -14.15 -5.64
N GLN A 365 16.98 -12.84 -5.58
CA GLN A 365 15.87 -11.91 -5.30
C GLN A 365 14.75 -11.95 -6.34
N ILE A 366 15.10 -12.04 -7.62
CA ILE A 366 14.14 -12.16 -8.73
C ILE A 366 13.34 -13.46 -8.60
N GLU A 367 14.05 -14.56 -8.34
CA GLU A 367 13.43 -15.87 -8.05
C GLU A 367 12.56 -15.90 -6.78
N ASN A 368 13.06 -15.35 -5.67
CA ASN A 368 12.28 -15.20 -4.43
C ASN A 368 10.97 -14.39 -4.64
N SER A 369 11.08 -13.27 -5.35
CA SER A 369 9.94 -12.43 -5.73
C SER A 369 8.90 -13.18 -6.55
N LYS A 370 9.37 -13.97 -7.51
CA LYS A 370 8.49 -14.74 -8.40
C LYS A 370 7.68 -15.76 -7.61
N LYS A 371 8.38 -16.42 -6.68
CA LYS A 371 7.82 -17.45 -5.84
C LYS A 371 6.82 -16.88 -4.83
N GLU A 372 7.19 -15.81 -4.13
CA GLU A 372 6.31 -15.15 -3.17
C GLU A 372 5.00 -14.73 -3.82
N LEU A 373 5.12 -14.15 -5.02
CA LEU A 373 3.98 -13.71 -5.79
C LEU A 373 3.11 -14.89 -6.21
N ALA A 374 3.75 -16.00 -6.62
CA ALA A 374 3.04 -17.21 -7.03
C ALA A 374 2.37 -17.91 -5.84
N GLU A 375 3.06 -17.94 -4.70
CA GLU A 375 2.56 -18.65 -3.51
C GLU A 375 1.57 -17.87 -2.60
N ALA A 376 1.44 -16.56 -2.83
CA ALA A 376 0.59 -15.68 -2.01
C ALA A 376 -0.89 -16.09 -2.07
N LYS A 377 -1.48 -16.27 -0.90
CA LYS A 377 -2.89 -16.64 -0.76
C LYS A 377 -3.77 -15.40 -0.67
N GLU A 378 -5.02 -15.54 -1.13
CA GLU A 378 -6.04 -14.51 -0.96
C GLU A 378 -6.68 -14.61 0.42
N SER A 379 -7.00 -13.45 0.98
CA SER A 379 -7.86 -13.36 2.15
C SER A 379 -9.29 -13.78 1.78
N PRO A 380 -10.01 -14.45 2.70
CA PRO A 380 -11.42 -14.72 2.42
C PRO A 380 -12.26 -13.43 2.38
N ALA A 381 -11.75 -12.33 2.93
CA ALA A 381 -12.47 -11.05 2.85
C ALA A 381 -12.13 -10.20 1.60
N LEU A 382 -11.43 -10.80 0.63
CA LEU A 382 -11.04 -10.07 -0.58
C LEU A 382 -12.27 -9.81 -1.44
N GLY A 383 -12.52 -8.54 -1.67
CA GLY A 383 -13.71 -8.10 -2.40
C GLY A 383 -14.92 -7.83 -1.50
N PHE A 384 -14.76 -7.94 -0.19
CA PHE A 384 -15.84 -7.61 0.76
C PHE A 384 -16.02 -6.09 0.89
N ILE A 385 -17.24 -5.65 0.65
CA ILE A 385 -17.60 -4.23 0.76
C ILE A 385 -18.55 -4.11 1.94
N PHE A 386 -18.11 -3.39 2.97
CA PHE A 386 -18.95 -3.06 4.09
C PHE A 386 -19.77 -1.82 3.76
N ASN A 387 -21.08 -2.02 3.63
CA ASN A 387 -22.04 -0.95 3.41
C ASN A 387 -22.38 -0.31 4.75
N THR A 388 -21.96 0.95 4.90
CA THR A 388 -22.11 1.69 6.14
C THR A 388 -23.44 2.48 6.25
N ASP A 389 -24.36 2.27 5.31
CA ASP A 389 -25.60 3.07 5.22
C ASP A 389 -26.53 2.98 6.45
N ASN A 390 -26.64 1.79 7.03
CA ASN A 390 -27.42 1.61 8.26
C ASN A 390 -26.73 2.13 9.52
N VAL A 391 -25.41 2.35 9.46
CA VAL A 391 -24.58 2.50 10.67
C VAL A 391 -23.58 3.68 10.65
N LYS A 392 -23.79 4.62 9.72
CA LYS A 392 -22.95 5.82 9.56
C LYS A 392 -22.78 6.64 10.85
N SER A 393 -23.86 6.78 11.62
CA SER A 393 -23.85 7.52 12.89
C SER A 393 -23.12 6.77 14.00
N GLU A 394 -23.37 5.46 14.08
CA GLU A 394 -22.73 4.60 15.05
C GLU A 394 -21.22 4.48 14.78
N ILE A 395 -20.85 4.47 13.51
CA ILE A 395 -19.43 4.45 13.11
C ILE A 395 -18.67 5.68 13.63
N SER A 396 -19.27 6.87 13.47
CA SER A 396 -18.62 8.11 13.92
C SER A 396 -18.52 8.19 15.42
N ALA A 397 -19.54 7.68 16.11
CA ALA A 397 -19.53 7.57 17.57
C ALA A 397 -18.37 6.71 18.09
N ILE A 398 -18.13 5.54 17.46
CA ILE A 398 -17.02 4.62 17.83
C ILE A 398 -15.67 5.27 17.55
N ALA A 399 -15.51 5.79 16.33
CA ALA A 399 -14.34 6.54 15.89
C ALA A 399 -14.00 7.65 16.89
N ASN A 400 -15.03 8.39 17.31
CA ASN A 400 -14.92 9.43 18.32
C ASN A 400 -14.40 8.92 19.67
N THR A 401 -14.96 7.80 20.15
CA THR A 401 -14.46 7.15 21.37
C THR A 401 -13.05 6.57 21.15
N MET A 402 -12.90 5.73 20.12
CA MET A 402 -11.62 5.09 19.73
C MET A 402 -10.44 6.05 19.61
N GLN A 403 -10.65 7.20 18.97
CA GLN A 403 -9.58 8.18 18.70
C GLN A 403 -8.98 8.84 19.96
N GLN A 404 -9.67 8.72 21.09
CA GLN A 404 -9.21 9.23 22.38
C GLN A 404 -8.17 8.35 23.08
N PHE A 405 -8.24 7.04 22.85
CA PHE A 405 -7.39 6.06 23.56
C PHE A 405 -6.47 5.26 22.64
N ASP A 406 -6.82 5.29 21.35
CA ASP A 406 -6.10 4.65 20.24
C ASP A 406 -4.57 4.68 20.37
N THR A 407 -4.03 5.89 20.28
CA THR A 407 -2.60 6.14 20.11
C THR A 407 -1.80 5.66 21.29
N ALA A 408 -2.29 5.97 22.49
CA ALA A 408 -1.67 5.53 23.73
C ALA A 408 -1.49 4.02 23.77
N ILE A 409 -2.56 3.30 23.40
CA ILE A 409 -2.53 1.82 23.43
C ILE A 409 -1.61 1.23 22.36
N ASN A 410 -1.82 1.65 21.11
CA ASN A 410 -1.19 1.08 19.92
C ASN A 410 0.32 1.21 19.85
N THR A 411 0.83 2.32 20.41
CA THR A 411 2.26 2.62 20.53
C THR A 411 2.90 1.96 21.75
N GLY A 412 2.08 1.39 22.63
CA GLY A 412 2.58 0.77 23.86
C GLY A 412 3.00 1.78 24.91
N THR A 413 2.55 3.03 24.74
CA THR A 413 2.75 4.11 25.74
C THR A 413 2.12 3.75 27.10
N VAL A 414 0.92 3.20 27.09
CA VAL A 414 0.22 2.78 28.33
C VAL A 414 0.16 1.25 28.44
N ASP A 415 -0.07 0.77 29.65
CA ASP A 415 -0.21 -0.65 29.91
C ASP A 415 -1.54 -1.16 29.34
N PRO A 416 -1.49 -2.06 28.33
CA PRO A 416 -2.73 -2.61 27.74
C PRO A 416 -3.65 -3.33 28.74
N ASP A 417 -3.06 -3.96 29.76
CA ASP A 417 -3.81 -4.62 30.85
C ASP A 417 -4.74 -3.66 31.58
N LYS A 418 -4.38 -2.38 31.60
CA LYS A 418 -5.19 -1.35 32.21
C LYS A 418 -6.06 -0.66 31.17
N ALA A 419 -5.45 -0.30 30.03
CA ALA A 419 -6.14 0.53 29.02
C ALA A 419 -7.16 -0.19 28.13
N ILE A 420 -6.90 -1.43 27.73
CA ILE A 420 -7.92 -2.18 26.93
C ILE A 420 -9.25 -2.35 27.72
N PRO A 421 -9.20 -2.83 28.99
CA PRO A 421 -10.49 -2.96 29.71
C PRO A 421 -11.27 -1.65 29.83
N GLU A 422 -10.57 -0.53 29.93
CA GLU A 422 -11.20 0.79 30.01
C GLU A 422 -11.85 1.19 28.69
N LEU A 423 -11.12 0.98 27.60
CA LEU A 423 -11.64 1.26 26.27
C LEU A 423 -12.85 0.37 25.93
N MET A 424 -12.74 -0.93 26.20
CA MET A 424 -13.86 -1.86 25.93
C MET A 424 -15.10 -1.53 26.77
N GLU A 425 -14.89 -1.17 28.04
CA GLU A 425 -15.99 -0.77 28.91
C GLU A 425 -16.71 0.45 28.34
N LYS A 426 -15.93 1.47 27.93
CA LYS A 426 -16.48 2.69 27.31
C LYS A 426 -17.28 2.41 26.03
N LEU A 427 -16.76 1.52 25.18
CA LEU A 427 -17.43 1.15 23.94
C LEU A 427 -18.70 0.34 24.20
N LYS A 428 -18.62 -0.65 25.09
CA LYS A 428 -19.77 -1.50 25.42
C LYS A 428 -20.90 -0.78 26.19
N SER A 429 -20.59 0.38 26.79
CA SER A 429 -21.56 1.19 27.56
C SER A 429 -22.56 2.04 26.75
N GLU A 430 -22.29 2.21 25.45
CA GLU A 430 -23.25 2.79 24.51
C GLU A 430 -23.69 1.67 23.57
N GLY A 431 -24.53 1.99 22.59
CA GLY A 431 -25.09 0.95 21.70
C GLY A 431 -24.41 0.83 20.35
N ALA A 432 -23.59 1.82 20.01
CA ALA A 432 -22.98 1.91 18.69
C ALA A 432 -22.06 0.73 18.36
N TYR A 433 -21.23 0.35 19.32
CA TYR A 433 -20.21 -0.69 19.13
C TYR A 433 -20.79 -2.01 18.67
N GLU A 434 -21.72 -2.56 19.44
CA GLU A 434 -22.30 -3.86 19.10
C GLU A 434 -23.12 -3.79 17.81
N LYS A 435 -23.78 -2.66 17.56
CA LYS A 435 -24.54 -2.46 16.31
C LYS A 435 -23.65 -2.56 15.06
N VAL A 436 -22.52 -1.85 15.06
CA VAL A 436 -21.59 -1.87 13.92
C VAL A 436 -20.96 -3.26 13.76
N LEU A 437 -20.57 -3.88 14.88
CA LEU A 437 -20.01 -5.23 14.87
C LEU A 437 -20.97 -6.25 14.23
N ASN A 438 -22.21 -6.28 14.73
CA ASN A 438 -23.23 -7.20 14.23
C ASN A 438 -23.57 -6.93 12.78
N GLU A 439 -23.61 -5.65 12.39
CA GLU A 439 -23.91 -5.27 11.01
C GLU A 439 -22.79 -5.75 10.11
N MET A 440 -21.55 -5.57 10.56
CA MET A 440 -20.39 -6.08 9.82
C MET A 440 -20.40 -7.60 9.67
N GLN A 441 -20.62 -8.30 10.79
CA GLN A 441 -20.80 -9.75 10.82
C GLN A 441 -21.92 -10.22 9.88
N LYS A 442 -23.06 -9.53 9.96
CA LYS A 442 -24.21 -9.82 9.10
C LYS A 442 -23.83 -9.73 7.62
N GLN A 443 -23.16 -8.65 7.24
CA GLN A 443 -22.78 -8.46 5.84
C GLN A 443 -21.71 -9.46 5.41
N TYR A 444 -20.78 -9.75 6.32
CA TYR A 444 -19.73 -10.72 6.02
C TYR A 444 -20.31 -12.13 5.87
N ASP A 445 -21.34 -12.47 6.66
CA ASP A 445 -22.11 -13.72 6.47
C ASP A 445 -22.65 -13.82 5.05
N GLU A 446 -23.41 -12.79 4.62
CA GLU A 446 -23.98 -12.78 3.27
C GLU A 446 -22.94 -12.80 2.15
N PHE A 447 -21.84 -12.05 2.36
CA PHE A 447 -20.70 -12.09 1.43
C PHE A 447 -20.18 -13.51 1.24
N LEU A 448 -19.95 -14.24 2.32
CA LEU A 448 -19.45 -15.62 2.21
C LEU A 448 -20.48 -16.62 1.66
N LYS A 449 -21.76 -16.41 1.97
CA LYS A 449 -22.89 -17.22 1.46
C LYS A 449 -22.97 -17.12 -0.07
N ASN A 450 -23.02 -15.90 -0.60
CA ASN A 450 -22.76 -15.66 -2.04
C ASN A 450 -21.28 -15.98 -2.26
N LYS A 451 -20.81 -16.18 -3.50
CA LYS A 451 -19.50 -16.83 -3.78
C LYS A 451 -19.68 -18.35 -3.68
N LYS A 452 -20.05 -18.82 -2.47
CA LYS A 452 -20.27 -20.23 -2.15
C LYS A 452 -21.57 -20.79 -2.76
I IOD B . 9.82 -10.51 -2.08
I IOD C . 5.53 3.64 12.37
I IOD D . 12.54 12.30 -21.67
I IOD E . 22.41 -7.37 -14.72
I IOD F . 14.96 -1.96 -6.77
I IOD G . -2.29 -16.20 7.04
I IOD H . -4.68 -15.94 19.35
I IOD I . -19.10 4.95 21.53
I IOD J . 25.81 5.79 20.05
I IOD K . 14.81 -10.81 -15.68
I IOD L . 2.68 -2.60 -27.90
I IOD M . -26.61 -8.15 4.12
I IOD N . 14.72 6.02 22.23
I IOD O . 1.11 19.70 -13.47
I IOD P . 25.93 -7.87 9.01
I IOD Q . -5.69 -4.94 6.14
I IOD R . 19.65 -9.22 -26.06
I IOD S . -1.94 10.19 23.47
I IOD T . -7.66 22.67 -2.32
I IOD U . 14.20 7.99 3.18
I IOD V . -3.57 -7.29 27.92
#